data_8AIH
#
_entry.id   8AIH
#
_cell.length_a   63.650
_cell.length_b   64.540
_cell.length_c   108.540
_cell.angle_alpha   90.000
_cell.angle_beta   90.000
_cell.angle_gamma   90.000
#
_symmetry.space_group_name_H-M   'I 21 21 21'
#
loop_
_entity.id
_entity.type
_entity.pdbx_description
1 polymer 'Probable nicotinate-nucleotide adenylyltransferase'
2 non-polymer 'SULFATE ION'
3 non-polymer 'DIHYDROGENPHOSPHATE ION'
4 water water
#
_entity_poly.entity_id   1
_entity_poly.type   'polypeptide(L)'
_entity_poly.pdbx_seq_one_letter_code
;NTQAKTFVRSQLFPEEMPQFLEKKKQVGILGGTFNPVHLAHLVMAEQAGRNLGLDRVFLMPSYQPPHVDEKQTIDAKHRL
NMLELAVEDNPFLQIETIELARGGKSYTYDTMKELTQNNPDTDYYFIIGGDMVEYLPKWYKIDELTSMVNFVGIRRPGYT
TDTPYPVIWVDVPEIDISSTKIRQKIKEGCSIRYLVPDKVIDYIQNEGLYEYGL
;
_entity_poly.pdbx_strand_id   A
#
# COMPACT_ATOMS: atom_id res chain seq x y z
N LYS A 23 -18.86 17.32 -4.03
CA LYS A 23 -18.16 18.29 -3.19
C LYS A 23 -16.89 17.67 -2.60
N LYS A 24 -17.10 16.63 -1.80
CA LYS A 24 -15.93 16.01 -1.17
C LYS A 24 -15.51 14.81 -2.00
N LYS A 25 -14.22 14.61 -2.10
CA LYS A 25 -13.66 13.51 -2.85
C LYS A 25 -13.53 12.27 -1.97
N GLN A 26 -13.65 11.10 -2.58
CA GLN A 26 -13.38 9.81 -1.91
C GLN A 26 -12.06 9.26 -2.42
N VAL A 27 -11.07 9.16 -1.53
CA VAL A 27 -9.73 8.73 -1.90
C VAL A 27 -9.31 7.52 -1.05
N GLY A 28 -8.96 6.37 -1.71
CA GLY A 28 -8.40 5.24 -0.99
C GLY A 28 -6.91 5.41 -0.68
N ILE A 29 -6.42 4.79 0.39
CA ILE A 29 -4.98 4.80 0.67
C ILE A 29 -4.55 3.37 0.90
N LEU A 30 -3.53 2.90 0.18
CA LEU A 30 -2.95 1.56 0.43
C LEU A 30 -1.49 1.69 0.88
N GLY A 31 -1.19 1.21 2.10
CA GLY A 31 0.12 1.33 2.69
C GLY A 31 0.95 0.04 2.55
N GLY A 32 2.26 0.18 2.72
CA GLY A 32 3.14 -0.92 2.44
C GLY A 32 4.59 -0.49 2.37
N THR A 33 5.48 -1.49 2.36
CA THR A 33 6.87 -1.18 2.06
C THR A 33 7.10 -1.05 0.56
N PHE A 34 6.36 -1.79 -0.25
CA PHE A 34 6.53 -1.77 -1.70
C PHE A 34 8.02 -1.97 -2.05
N ASN A 35 8.56 -3.05 -1.51
CA ASN A 35 9.99 -3.35 -1.61
C ASN A 35 10.21 -4.73 -2.22
N PRO A 36 9.81 -4.93 -3.51
CA PRO A 36 9.29 -3.98 -4.49
C PRO A 36 7.77 -4.02 -4.59
N VAL A 37 7.21 -3.14 -5.42
CA VAL A 37 5.81 -3.23 -5.79
C VAL A 37 5.58 -4.46 -6.66
N HIS A 38 4.42 -5.10 -6.53
CA HIS A 38 4.19 -6.36 -7.23
C HIS A 38 2.70 -6.42 -7.51
N LEU A 39 2.28 -7.40 -8.32
CA LEU A 39 0.92 -7.37 -8.84
C LEU A 39 -0.13 -7.44 -7.73
N ALA A 40 0.23 -7.92 -6.55
CA ALA A 40 -0.75 -7.98 -5.47
C ALA A 40 -1.15 -6.57 -5.01
N HIS A 41 -0.20 -5.63 -5.00
CA HIS A 41 -0.50 -4.22 -4.67
C HIS A 41 -1.47 -3.58 -5.66
N LEU A 42 -1.25 -3.84 -6.95
CA LEU A 42 -2.07 -3.19 -8.00
C LEU A 42 -3.50 -3.74 -8.01
N VAL A 43 -3.63 -5.05 -8.02
CA VAL A 43 -4.95 -5.71 -7.90
C VAL A 43 -5.67 -5.21 -6.65
N MET A 44 -5.00 -5.28 -5.48
CA MET A 44 -5.61 -4.78 -4.24
C MET A 44 -6.08 -3.34 -4.36
N ALA A 45 -5.25 -2.47 -4.94
CA ALA A 45 -5.59 -1.05 -4.96
C ALA A 45 -6.64 -0.75 -6.01
N GLU A 46 -6.64 -1.48 -7.12
CA GLU A 46 -7.59 -1.14 -8.17
C GLU A 46 -8.98 -1.68 -7.89
N GLN A 47 -9.03 -2.90 -7.35
CA GLN A 47 -10.29 -3.58 -7.01
C GLN A 47 -10.99 -2.90 -5.83
N ALA A 48 -10.27 -2.69 -4.73
CA ALA A 48 -10.84 -1.93 -3.61
C ALA A 48 -11.44 -0.60 -4.08
N GLY A 49 -10.67 0.20 -4.82
CA GLY A 49 -11.16 1.53 -5.13
C GLY A 49 -12.29 1.49 -6.13
N ARG A 50 -12.17 0.63 -7.16
CA ARG A 50 -13.19 0.59 -8.21
C ARG A 50 -14.46 -0.09 -7.73
N ASN A 51 -14.32 -1.11 -6.88
CA ASN A 51 -15.55 -1.78 -6.48
C ASN A 51 -16.40 -0.91 -5.56
N LEU A 52 -15.79 -0.11 -4.71
CA LEU A 52 -16.48 0.84 -3.84
C LEU A 52 -16.92 2.09 -4.59
N GLY A 53 -16.35 2.36 -5.78
CA GLY A 53 -16.63 3.60 -6.48
C GLY A 53 -15.82 4.80 -6.03
N LEU A 54 -14.62 4.59 -5.48
CA LEU A 54 -13.78 5.69 -5.03
C LEU A 54 -13.26 6.47 -6.25
N ASP A 55 -12.79 7.69 -6.00
CA ASP A 55 -12.28 8.51 -7.13
C ASP A 55 -10.80 8.22 -7.42
N ARG A 56 -10.04 7.72 -6.45
CA ARG A 56 -8.65 7.36 -6.73
C ARG A 56 -8.16 6.52 -5.58
N VAL A 57 -7.06 5.79 -5.81
CA VAL A 57 -6.34 5.09 -4.75
C VAL A 57 -4.87 5.51 -4.83
N PHE A 58 -4.30 5.75 -3.66
CA PHE A 58 -2.92 6.19 -3.54
C PHE A 58 -2.11 5.07 -2.96
N LEU A 59 -0.94 4.75 -3.54
CA LEU A 59 -0.06 3.77 -2.89
C LEU A 59 0.92 4.54 -2.02
N MET A 60 0.97 4.20 -0.74
CA MET A 60 1.67 5.06 0.23
C MET A 60 2.85 4.31 0.83
N PRO A 61 4.03 4.40 0.24
CA PRO A 61 5.20 3.71 0.80
C PRO A 61 5.66 4.25 2.15
N SER A 62 5.95 3.34 3.07
CA SER A 62 6.42 3.68 4.39
C SER A 62 7.93 3.97 4.37
N TYR A 63 8.37 4.72 5.37
CA TYR A 63 9.79 5.00 5.50
C TYR A 63 10.48 3.76 6.06
N GLN A 64 11.63 3.40 5.49
CA GLN A 64 12.42 2.27 5.96
C GLN A 64 13.83 2.76 6.30
N PRO A 65 14.30 2.55 7.52
CA PRO A 65 15.58 3.14 7.93
C PRO A 65 16.72 2.39 7.28
N PRO A 66 17.78 3.10 6.89
CA PRO A 66 19.06 2.42 6.64
C PRO A 66 19.21 1.40 7.76
N HIS A 67 19.26 0.12 7.41
CA HIS A 67 19.35 -0.97 8.37
C HIS A 67 20.64 -1.71 8.03
N VAL A 68 21.76 -1.20 8.54
CA VAL A 68 23.05 -1.81 8.21
C VAL A 68 23.95 -1.74 9.43
N ILE A 74 17.43 -1.16 0.28
CA ILE A 74 18.04 -0.54 -0.89
C ILE A 74 18.12 0.98 -0.70
N ASP A 75 17.39 1.73 -1.53
CA ASP A 75 17.25 3.17 -1.38
C ASP A 75 15.79 3.57 -1.57
N ALA A 76 15.46 4.74 -1.03
CA ALA A 76 14.12 5.29 -1.19
C ALA A 76 13.81 5.62 -2.64
N LYS A 77 14.81 6.07 -3.40
CA LYS A 77 14.59 6.49 -4.79
C LYS A 77 14.19 5.31 -5.66
N HIS A 78 14.82 4.15 -5.43
CA HIS A 78 14.53 2.95 -6.19
C HIS A 78 13.12 2.44 -5.92
N ARG A 79 12.67 2.47 -4.67
CA ARG A 79 11.31 2.01 -4.40
C ARG A 79 10.27 2.92 -5.09
N LEU A 80 10.51 4.24 -5.08
CA LEU A 80 9.59 5.20 -5.68
C LEU A 80 9.66 5.12 -7.20
N ASN A 81 10.87 5.01 -7.75
CA ASN A 81 11.00 4.80 -9.20
C ASN A 81 10.21 3.59 -9.65
N MET A 82 10.39 2.46 -8.98
CA MET A 82 9.61 1.27 -9.30
C MET A 82 8.11 1.52 -9.21
N LEU A 83 7.66 2.14 -8.12
CA LEU A 83 6.23 2.44 -7.92
C LEU A 83 5.68 3.37 -9.02
N GLU A 84 6.47 4.34 -9.47
CA GLU A 84 5.99 5.19 -10.56
C GLU A 84 5.84 4.39 -11.85
N LEU A 85 6.90 3.66 -12.25
CA LEU A 85 6.80 2.80 -13.43
C LEU A 85 5.56 1.92 -13.37
N ALA A 86 5.15 1.48 -12.17
CA ALA A 86 4.08 0.48 -12.03
C ALA A 86 2.69 1.06 -12.32
N VAL A 87 2.42 2.31 -11.94
CA VAL A 87 1.09 2.88 -12.12
C VAL A 87 1.05 3.86 -13.28
N GLU A 88 2.11 3.83 -14.09
CA GLU A 88 2.41 4.87 -15.08
C GLU A 88 1.30 5.07 -16.08
N ASP A 89 0.62 3.99 -16.43
CA ASP A 89 -0.39 3.98 -17.48
C ASP A 89 -1.80 3.95 -16.90
N ASN A 90 -1.97 4.35 -15.64
CA ASN A 90 -3.23 4.23 -14.92
C ASN A 90 -3.56 5.49 -14.17
N PRO A 91 -4.39 6.39 -14.71
CA PRO A 91 -4.71 7.62 -13.98
C PRO A 91 -5.40 7.38 -12.66
N PHE A 92 -5.85 6.16 -12.42
CA PHE A 92 -6.66 5.89 -11.23
C PHE A 92 -5.83 5.51 -10.02
N LEU A 93 -4.56 5.13 -10.22
CA LEU A 93 -3.67 4.78 -9.12
C LEU A 93 -2.50 5.75 -9.13
N GLN A 94 -2.16 6.27 -7.94
CA GLN A 94 -1.15 7.34 -7.80
C GLN A 94 -0.34 7.09 -6.54
N ILE A 95 0.72 7.87 -6.42
CA ILE A 95 1.75 7.68 -5.39
C ILE A 95 1.63 8.80 -4.35
N GLU A 96 1.44 8.40 -3.09
CA GLU A 96 1.49 9.28 -1.91
C GLU A 96 2.82 9.18 -1.20
N THR A 97 3.66 10.21 -1.32
CA THR A 97 5.02 10.12 -0.81
C THR A 97 5.25 10.77 0.57
N ILE A 98 4.20 11.12 1.33
CA ILE A 98 4.46 11.94 2.52
C ILE A 98 5.34 11.18 3.52
N GLU A 99 5.13 9.87 3.66
CA GLU A 99 5.89 9.13 4.67
C GLU A 99 7.36 9.06 4.27
N LEU A 100 7.63 8.99 2.97
CA LEU A 100 9.00 8.94 2.48
C LEU A 100 9.73 10.22 2.81
N ALA A 101 9.04 11.35 2.70
CA ALA A 101 9.67 12.66 2.81
C ALA A 101 10.02 13.02 4.24
N ARG A 102 9.52 12.28 5.23
CA ARG A 102 9.68 12.65 6.63
C ARG A 102 11.02 12.20 7.22
N GLY A 103 11.73 11.27 6.58
CA GLY A 103 13.06 10.94 7.05
C GLY A 103 13.11 10.22 8.39
N GLY A 104 12.00 9.66 8.83
CA GLY A 104 11.92 8.83 10.03
C GLY A 104 10.64 8.02 9.99
N LYS A 105 10.56 7.06 10.91
CA LYS A 105 9.33 6.26 11.03
C LYS A 105 8.16 7.17 11.35
N SER A 106 6.97 6.82 10.84
CA SER A 106 5.77 7.56 11.19
C SER A 106 4.72 6.63 11.78
N TYR A 107 3.93 7.18 12.69
CA TYR A 107 2.68 6.53 13.07
C TYR A 107 1.61 6.94 12.08
N THR A 108 0.69 6.02 11.79
CA THR A 108 -0.32 6.29 10.78
C THR A 108 -1.25 7.43 11.18
N TYR A 109 -1.50 7.59 12.48
CA TYR A 109 -2.28 8.73 12.98
C TYR A 109 -1.64 10.06 12.57
N ASP A 110 -0.32 10.17 12.71
CA ASP A 110 0.35 11.43 12.41
C ASP A 110 0.32 11.71 10.91
N THR A 111 0.61 10.69 10.11
CA THR A 111 0.40 10.75 8.66
C THR A 111 -1.02 11.19 8.33
N MET A 112 -2.03 10.52 8.93
CA MET A 112 -3.39 10.74 8.50
C MET A 112 -3.90 12.07 9.03
N LYS A 113 -3.34 12.53 10.18
CA LYS A 113 -3.67 13.86 10.68
C LYS A 113 -3.21 14.95 9.73
N GLU A 114 -1.99 14.84 9.19
CA GLU A 114 -1.48 15.87 8.30
C GLU A 114 -2.17 15.85 6.95
N LEU A 115 -2.41 14.65 6.41
CA LEU A 115 -3.09 14.54 5.11
C LEU A 115 -4.54 15.05 5.18
N THR A 116 -5.25 14.80 6.29
CA THR A 116 -6.61 15.37 6.38
C THR A 116 -6.56 16.88 6.60
N GLN A 117 -5.59 17.35 7.38
CA GLN A 117 -5.37 18.79 7.48
C GLN A 117 -5.01 19.40 6.13
N ASN A 118 -4.29 18.68 5.28
CA ASN A 118 -3.90 19.20 3.96
C ASN A 118 -5.11 19.25 3.03
N ASN A 119 -5.99 18.27 3.18
CA ASN A 119 -7.08 18.01 2.27
C ASN A 119 -8.37 17.86 3.06
N PRO A 120 -8.86 18.94 3.68
CA PRO A 120 -10.04 18.84 4.56
C PRO A 120 -11.29 18.48 3.82
N ASP A 121 -11.26 18.50 2.47
CA ASP A 121 -12.37 18.15 1.60
C ASP A 121 -12.39 16.68 1.19
N THR A 122 -11.49 15.84 1.73
CA THR A 122 -11.34 14.46 1.29
C THR A 122 -11.83 13.52 2.39
N ASP A 123 -12.64 12.54 1.99
CA ASP A 123 -12.95 11.40 2.84
C ASP A 123 -11.91 10.33 2.55
N TYR A 124 -11.07 9.97 3.52
CA TYR A 124 -10.02 8.99 3.23
C TYR A 124 -10.55 7.61 3.53
N TYR A 125 -10.24 6.66 2.65
CA TYR A 125 -10.56 5.25 2.86
C TYR A 125 -9.23 4.52 2.91
N PHE A 126 -8.91 3.99 4.08
CA PHE A 126 -7.59 3.42 4.37
C PHE A 126 -7.70 1.90 4.31
N ILE A 127 -7.12 1.33 3.29
CA ILE A 127 -7.35 -0.06 2.89
C ILE A 127 -6.35 -0.99 3.59
N ILE A 128 -6.83 -1.99 4.30
CA ILE A 128 -5.93 -2.96 4.89
C ILE A 128 -6.45 -4.35 4.62
N GLY A 129 -5.59 -5.36 4.79
CA GLY A 129 -5.95 -6.68 4.37
C GLY A 129 -6.74 -7.33 5.49
N GLY A 130 -7.63 -8.25 5.13
CA GLY A 130 -8.45 -8.92 6.14
C GLY A 130 -7.59 -9.50 7.26
N ASP A 131 -6.39 -9.98 6.91
CA ASP A 131 -5.41 -10.55 7.83
C ASP A 131 -4.77 -9.56 8.79
N MET A 132 -5.01 -8.25 8.65
CA MET A 132 -4.52 -7.22 9.57
C MET A 132 -5.57 -6.65 10.51
N VAL A 133 -6.86 -6.81 10.24
CA VAL A 133 -7.87 -6.17 11.08
C VAL A 133 -7.75 -6.58 12.55
N GLU A 134 -7.16 -7.75 12.82
CA GLU A 134 -6.96 -8.18 14.20
C GLU A 134 -6.08 -7.21 14.97
N TYR A 135 -4.98 -6.77 14.38
CA TYR A 135 -4.02 -5.96 15.12
C TYR A 135 -4.42 -4.49 15.20
N LEU A 136 -5.65 -4.15 14.80
CA LEU A 136 -6.09 -2.75 14.85
C LEU A 136 -5.95 -2.11 16.23
N PRO A 137 -6.29 -2.76 17.36
CA PRO A 137 -6.14 -2.10 18.67
C PRO A 137 -4.71 -1.80 19.05
N LYS A 138 -3.74 -2.33 18.30
CA LYS A 138 -2.34 -2.12 18.60
C LYS A 138 -1.76 -0.98 17.79
N TRP A 139 -2.63 -0.19 17.14
CA TRP A 139 -2.24 1.00 16.42
C TRP A 139 -2.21 2.21 17.35
N TYR A 140 -1.26 3.10 17.10
CA TYR A 140 -1.09 4.26 17.96
C TYR A 140 -2.28 5.19 17.76
N LYS A 141 -2.95 5.56 18.86
CA LYS A 141 -4.13 6.42 18.82
C LYS A 141 -5.14 5.90 17.82
N ILE A 142 -5.39 4.59 17.87
CA ILE A 142 -6.30 3.98 16.91
C ILE A 142 -7.68 4.62 16.99
N ASP A 143 -8.04 5.15 18.17
CA ASP A 143 -9.35 5.72 18.39
C ASP A 143 -9.51 7.05 17.65
N GLU A 144 -8.61 7.99 17.91
CA GLU A 144 -8.56 9.20 17.09
C GLU A 144 -8.53 8.87 15.59
N LEU A 145 -7.90 7.77 15.20
CA LEU A 145 -7.69 7.49 13.79
C LEU A 145 -8.97 7.01 13.10
N THR A 146 -9.75 6.15 13.75
CA THR A 146 -10.98 5.63 13.13
C THR A 146 -11.99 6.76 12.88
N SER A 147 -12.03 7.75 13.78
CA SER A 147 -12.85 8.93 13.56
C SER A 147 -12.30 9.79 12.43
N MET A 148 -11.07 9.53 12.00
CA MET A 148 -10.35 10.40 11.08
C MET A 148 -10.39 9.88 9.65
N VAL A 149 -10.50 8.55 9.47
CA VAL A 149 -10.52 7.89 8.17
C VAL A 149 -11.65 6.86 8.20
N ASN A 150 -11.98 6.32 7.02
CA ASN A 150 -12.86 5.16 6.86
C ASN A 150 -11.98 3.94 6.65
N PHE A 151 -11.99 3.01 7.59
CA PHE A 151 -11.22 1.80 7.39
C PHE A 151 -11.96 0.85 6.45
N VAL A 152 -11.20 0.21 5.57
CA VAL A 152 -11.71 -0.68 4.52
C VAL A 152 -10.92 -1.98 4.62
N GLY A 153 -11.61 -3.07 4.91
CA GLY A 153 -10.95 -4.37 4.94
C GLY A 153 -11.12 -5.11 3.63
N ILE A 154 -10.13 -5.92 3.30
CA ILE A 154 -10.22 -6.86 2.20
C ILE A 154 -10.65 -8.21 2.70
N ARG A 155 -11.82 -8.65 2.26
CA ARG A 155 -12.42 -9.89 2.73
C ARG A 155 -11.51 -11.07 2.37
N ARG A 156 -11.63 -12.15 3.15
CA ARG A 156 -10.79 -13.33 2.96
C ARG A 156 -11.51 -14.60 3.38
N GLY A 158 -9.41 -16.83 4.66
CA GLY A 158 -10.63 -16.99 5.44
C GLY A 158 -10.48 -16.62 6.90
N TYR A 159 -11.04 -15.49 7.29
CA TYR A 159 -11.09 -15.05 8.70
C TYR A 159 -12.46 -14.84 9.34
N THR A 160 -13.54 -15.02 8.57
CA THR A 160 -14.91 -14.42 8.68
C THR A 160 -14.25 -13.05 8.49
N THR A 161 -14.91 -12.04 9.05
CA THR A 161 -14.92 -10.56 9.06
C THR A 161 -15.23 -9.93 10.41
N ASP A 162 -16.51 -9.73 10.74
CA ASP A 162 -17.07 -9.58 12.07
C ASP A 162 -16.03 -8.90 12.99
N THR A 163 -15.75 -7.65 12.70
CA THR A 163 -14.85 -6.96 13.60
C THR A 163 -15.61 -5.91 14.39
N PRO A 164 -15.41 -5.86 15.70
CA PRO A 164 -15.95 -4.76 16.51
C PRO A 164 -15.51 -3.37 16.10
N TYR A 165 -14.54 -3.26 15.17
CA TYR A 165 -14.03 -1.97 14.71
C TYR A 165 -14.82 -1.49 13.49
N PRO A 166 -14.98 -0.19 13.37
CA PRO A 166 -15.84 0.33 12.30
C PRO A 166 -15.14 0.21 10.95
N VAL A 167 -15.09 -1.02 10.45
CA VAL A 167 -14.53 -1.35 9.15
C VAL A 167 -15.67 -1.67 8.19
N ILE A 168 -15.63 -1.13 6.98
CA ILE A 168 -16.42 -1.61 5.84
C ILE A 168 -15.54 -2.52 4.98
N TRP A 169 -16.17 -3.45 4.29
CA TRP A 169 -15.43 -4.53 3.65
C TRP A 169 -15.69 -4.55 2.15
N VAL A 170 -14.71 -5.02 1.41
CA VAL A 170 -14.81 -5.11 -0.05
C VAL A 170 -14.09 -6.37 -0.52
N ASP A 171 -14.60 -6.98 -1.59
CA ASP A 171 -14.08 -8.25 -2.08
C ASP A 171 -12.94 -8.02 -3.10
N VAL A 172 -11.81 -8.68 -2.90
CA VAL A 172 -10.64 -8.63 -3.80
C VAL A 172 -10.23 -10.09 -4.00
N PRO A 173 -10.00 -10.58 -5.23
CA PRO A 173 -9.45 -11.94 -5.39
C PRO A 173 -8.12 -12.01 -4.68
N GLU A 174 -7.89 -13.08 -3.94
CA GLU A 174 -6.69 -13.00 -3.14
C GLU A 174 -5.49 -13.39 -3.99
N ILE A 175 -4.41 -12.67 -3.78
CA ILE A 175 -3.20 -12.78 -4.57
C ILE A 175 -2.09 -12.97 -3.55
N ASP A 176 -1.63 -14.19 -3.37
CA ASP A 176 -0.67 -14.48 -2.30
C ASP A 176 0.76 -14.22 -2.76
N ILE A 177 1.03 -12.95 -3.00
CA ILE A 177 2.35 -12.43 -3.37
C ILE A 177 2.73 -11.49 -2.24
N SER A 178 3.94 -11.63 -1.70
CA SER A 178 4.43 -10.60 -0.80
C SER A 178 5.79 -10.11 -1.31
N SER A 179 6.21 -8.93 -0.86
N SER A 179 6.14 -8.91 -0.87
CA SER A 179 7.48 -8.39 -1.34
CA SER A 179 7.43 -8.33 -1.21
C SER A 179 8.69 -9.13 -0.78
C SER A 179 8.58 -9.27 -0.86
N THR A 180 8.54 -9.85 0.33
CA THR A 180 9.67 -10.61 0.84
C THR A 180 9.90 -11.88 0.03
N LYS A 181 8.81 -12.47 -0.49
CA LYS A 181 8.97 -13.60 -1.39
C LYS A 181 9.57 -13.19 -2.73
N ILE A 182 9.23 -11.99 -3.20
CA ILE A 182 9.81 -11.55 -4.46
C ILE A 182 11.32 -11.39 -4.33
N ARG A 183 11.79 -10.73 -3.27
CA ARG A 183 13.24 -10.50 -3.07
C ARG A 183 14.04 -11.81 -2.98
N GLN A 184 13.48 -12.87 -2.42
CA GLN A 184 14.34 -14.05 -2.33
C GLN A 184 14.24 -14.88 -3.59
N LYS A 185 13.09 -14.88 -4.26
CA LYS A 185 13.07 -15.41 -5.62
C LYS A 185 14.15 -14.73 -6.46
N ILE A 186 14.26 -13.40 -6.36
CA ILE A 186 15.33 -12.69 -7.06
C ILE A 186 16.69 -13.12 -6.53
N LYS A 187 16.86 -13.14 -5.19
CA LYS A 187 18.13 -13.56 -4.58
C LYS A 187 18.53 -14.96 -5.01
N GLU A 188 17.53 -15.79 -5.30
CA GLU A 188 17.81 -17.19 -5.70
C GLU A 188 17.67 -17.39 -7.20
N GLY A 189 17.50 -16.37 -8.02
CA GLY A 189 17.49 -16.52 -9.46
C GLY A 189 16.24 -17.18 -9.99
N CYS A 190 15.16 -17.09 -9.22
CA CYS A 190 13.88 -17.69 -9.65
C CYS A 190 13.07 -16.68 -10.48
N SER A 191 12.18 -17.18 -11.34
CA SER A 191 11.35 -16.33 -12.18
C SER A 191 10.44 -15.47 -11.33
N ILE A 192 10.27 -14.20 -11.72
CA ILE A 192 9.21 -13.37 -11.15
C ILE A 192 8.29 -12.79 -12.23
N ARG A 193 8.30 -13.38 -13.42
CA ARG A 193 7.47 -12.85 -14.49
C ARG A 193 6.01 -12.99 -14.10
N TYR A 194 5.22 -11.92 -14.34
CA TYR A 194 3.78 -11.85 -14.11
C TYR A 194 3.46 -11.55 -12.64
N LEU A 195 4.36 -11.92 -11.72
CA LEU A 195 4.27 -11.55 -10.31
C LEU A 195 4.54 -10.08 -10.08
N VAL A 196 5.40 -9.50 -10.93
CA VAL A 196 5.95 -8.16 -10.83
C VAL A 196 5.88 -7.57 -12.24
N PRO A 197 5.42 -6.33 -12.37
CA PRO A 197 5.22 -5.72 -13.71
C PRO A 197 6.49 -5.75 -14.55
N ASP A 198 6.29 -5.89 -15.88
CA ASP A 198 7.43 -6.01 -16.78
C ASP A 198 8.41 -4.86 -16.62
N LYS A 199 7.92 -3.63 -16.49
CA LYS A 199 8.83 -2.49 -16.35
C LYS A 199 9.59 -2.57 -15.04
N VAL A 200 8.94 -3.03 -13.99
CA VAL A 200 9.57 -3.10 -12.68
C VAL A 200 10.67 -4.16 -12.69
N ILE A 201 10.33 -5.39 -13.11
CA ILE A 201 11.36 -6.40 -13.39
C ILE A 201 12.53 -5.75 -14.13
N ASP A 202 12.22 -5.08 -15.24
CA ASP A 202 13.29 -4.48 -16.07
C ASP A 202 14.17 -3.49 -15.29
N TYR A 203 13.55 -2.62 -14.50
CA TYR A 203 14.29 -1.70 -13.63
C TYR A 203 15.18 -2.47 -12.65
N ILE A 204 14.63 -3.49 -12.01
CA ILE A 204 15.40 -4.29 -11.06
C ILE A 204 16.64 -4.87 -11.74
N GLN A 205 16.46 -5.56 -12.87
CA GLN A 205 17.57 -6.25 -13.51
C GLN A 205 18.61 -5.26 -14.00
N ASN A 206 18.17 -4.14 -14.53
CA ASN A 206 19.08 -3.16 -15.05
C ASN A 206 19.58 -2.20 -13.97
N GLU A 207 19.22 -2.41 -12.71
CA GLU A 207 19.85 -1.64 -11.64
C GLU A 207 20.54 -2.49 -10.58
N GLY A 208 20.68 -3.80 -10.79
CA GLY A 208 21.29 -4.65 -9.79
C GLY A 208 20.55 -4.78 -8.47
N LEU A 209 19.26 -4.46 -8.42
CA LEU A 209 18.56 -4.50 -7.14
C LEU A 209 18.34 -5.93 -6.67
N TYR A 210 18.33 -6.10 -5.34
CA TYR A 210 17.95 -7.34 -4.66
C TYR A 210 18.81 -8.54 -5.04
N GLU A 211 19.90 -8.35 -5.79
CA GLU A 211 20.70 -9.48 -6.23
C GLU A 211 21.30 -10.22 -5.04
N TYR A 212 21.77 -9.48 -4.05
CA TYR A 212 22.42 -10.08 -2.89
C TYR A 212 21.90 -9.50 -1.58
#